data_7O0O
#
_entry.id   7O0O
#
_cell.length_a   105.803
_cell.length_b   105.803
_cell.length_c   98.149
_cell.angle_alpha   90.000
_cell.angle_beta   90.000
_cell.angle_gamma   120.000
#
_symmetry.space_group_name_H-M   'P 64 2 2'
#
loop_
_entity.id
_entity.type
_entity.pdbx_description
1 polymer 'Metallo-beta-lactamase L1'
2 non-polymer 'ZINC ION'
3 non-polymer '(2~{S},3~{R},4~{S})-2-[(2~{S},3~{R})-1,3-bis(oxidanyl)-1-oxidanylidene-butan-2-yl]-4-[(3~{S},5~{S})-5-[(3-carboxyphenyl)carbamoyl]pyrrolidin-3-yl]sulfanyl-3-methyl-3,4-dihydro-2~{H}-pyrrole-5-carboxylic acid'
4 non-polymer 'SULFATE ION'
5 water water
#
_entity_poly.entity_id   1
_entity_poly.type   'polypeptide(L)'
_entity_poly.pdbx_seq_one_letter_code
;GPAEVPLPQLRAYTVDASWLQPMAPLQIADHTWQIGTEDLTALLVQTPDGAVLLDGGMPQMASHLLDNMKARGVTPRDLR
LILLSHAHADHAGPVAELKRRTGAKVAANAESAVLLARGGSDDLHFGDGITYPPANADRIVMDGEVITVGGIVFTAHFMA
GHTPGSTAWTWTDTRNGKPVRIAYADSLSAPGYQLQGNPRYPHLIEDYRRSFATVRALPCDVLLTPHPGASNWDYAAGAR
AGAKALTCKAYADAAEQKFDGQLAKETAGAR
;
_entity_poly.pdbx_strand_id   A
#
loop_
_chem_comp.id
_chem_comp.type
_chem_comp.name
_chem_comp.formula
9XS non-polymer '(2~{S},3~{R},4~{S})-2-[(2~{S},3~{R})-1,3-bis(oxidanyl)-1-oxidanylidene-butan-2-yl]-4-[(3~{S},5~{S})-5-[(3-carboxyphenyl)carbamoyl]pyrrolidin-3-yl]sulfanyl-3-methyl-3,4-dihydro-2~{H}-pyrrole-5-carboxylic acid' 'C22 H27 N3 O8 S'
SO4 non-polymer 'SULFATE ION' 'O4 S -2'
ZN non-polymer 'ZINC ION' 'Zn 2'
#
# COMPACT_ATOMS: atom_id res chain seq x y z
N GLU A 4 -33.21 -28.82 -4.45
CA GLU A 4 -32.32 -28.94 -5.61
C GLU A 4 -30.91 -28.47 -5.26
N VAL A 5 -30.61 -27.23 -5.64
CA VAL A 5 -29.24 -26.72 -5.65
C VAL A 5 -29.27 -25.41 -4.88
N PRO A 6 -28.63 -25.31 -3.74
CA PRO A 6 -28.62 -24.05 -3.01
C PRO A 6 -27.68 -23.06 -3.67
N LEU A 7 -27.90 -21.79 -3.37
CA LEU A 7 -26.95 -20.76 -3.75
C LEU A 7 -25.58 -21.10 -3.15
N PRO A 8 -24.51 -20.62 -3.77
CA PRO A 8 -23.18 -20.92 -3.23
C PRO A 8 -22.93 -20.24 -1.90
N GLN A 9 -22.12 -20.91 -1.08
CA GLN A 9 -21.64 -20.29 0.14
C GLN A 9 -20.73 -19.11 -0.20
N LEU A 10 -20.69 -18.14 0.72
CA LEU A 10 -19.72 -17.07 0.60
C LEU A 10 -18.31 -17.65 0.60
N ARG A 11 -17.45 -17.07 -0.23
CA ARG A 11 -16.07 -17.51 -0.38
C ARG A 11 -15.17 -16.53 0.36
N ALA A 12 -14.38 -17.05 1.29
CA ALA A 12 -13.46 -16.22 2.02
C ALA A 12 -12.33 -15.77 1.10
N TYR A 13 -11.83 -14.58 1.38
CA TYR A 13 -10.67 -14.05 0.67
C TYR A 13 -9.44 -14.73 1.26
N THR A 14 -8.96 -15.77 0.58
CA THR A 14 -7.81 -16.53 1.04
C THR A 14 -6.60 -16.17 0.18
N VAL A 15 -5.43 -16.21 0.81
CA VAL A 15 -4.19 -15.71 0.21
C VAL A 15 -3.07 -16.70 0.46
N ASP A 16 -1.96 -16.54 -0.27
CA ASP A 16 -0.79 -17.40 -0.08
C ASP A 16 -0.32 -17.28 1.37
N ALA A 17 0.17 -18.39 1.91
CA ALA A 17 0.57 -18.41 3.32
C ALA A 17 1.62 -17.35 3.63
N SER A 18 2.53 -17.09 2.70
CA SER A 18 3.60 -16.12 2.98
C SER A 18 3.04 -14.72 3.20
N TRP A 19 1.86 -14.41 2.66
CA TRP A 19 1.26 -13.11 2.90
C TRP A 19 0.81 -12.97 4.35
N LEU A 20 0.64 -14.10 5.04
CA LEU A 20 0.16 -14.13 6.41
C LEU A 20 1.24 -14.58 7.39
N GLN A 21 2.50 -14.67 6.95
CA GLN A 21 3.56 -15.20 7.80
C GLN A 21 4.15 -14.05 8.62
N PRO A 22 3.98 -14.02 9.94
CA PRO A 22 4.53 -12.89 10.70
C PRO A 22 6.05 -12.83 10.63
N MET A 23 6.57 -11.61 10.70
CA MET A 23 8.00 -11.38 10.81
C MET A 23 8.24 -10.35 11.90
N ALA A 24 9.42 -10.41 12.50
CA ALA A 24 9.88 -9.37 13.40
C ALA A 24 10.19 -8.09 12.61
N PRO A 25 10.23 -6.94 13.29
CA PRO A 25 10.50 -5.68 12.56
C PRO A 25 11.84 -5.74 11.84
N LEU A 26 11.83 -5.23 10.60
CA LEU A 26 13.02 -5.18 9.74
C LEU A 26 13.31 -3.72 9.45
N GLN A 27 14.52 -3.27 9.78
CA GLN A 27 14.83 -1.86 9.64
C GLN A 27 15.17 -1.51 8.19
N ILE A 28 14.50 -0.48 7.67
CA ILE A 28 14.74 0.04 6.33
C ILE A 28 15.65 1.24 6.35
N ALA A 29 15.41 2.16 7.29
CA ALA A 29 16.26 3.33 7.50
C ALA A 29 16.19 3.69 8.97
N ASP A 30 16.81 4.81 9.34
CA ASP A 30 16.99 5.13 10.76
C ASP A 30 15.67 5.11 11.51
N HIS A 31 14.59 5.56 10.89
CA HIS A 31 13.30 5.64 11.58
C HIS A 31 12.18 4.88 10.87
N THR A 32 12.51 4.05 9.89
CA THR A 32 11.52 3.39 9.06
C THR A 32 11.72 1.88 9.15
N TRP A 33 10.62 1.15 9.43
CA TRP A 33 10.67 -0.28 9.66
C TRP A 33 9.54 -0.99 8.92
N GLN A 34 9.83 -2.16 8.36
CA GLN A 34 8.80 -3.07 7.88
C GLN A 34 8.33 -3.92 9.05
N ILE A 35 7.03 -3.89 9.33
CA ILE A 35 6.48 -4.55 10.52
C ILE A 35 5.32 -5.48 10.18
N GLY A 36 5.10 -5.75 8.90
CA GLY A 36 4.00 -6.61 8.48
C GLY A 36 4.40 -8.08 8.42
N THR A 37 4.06 -8.73 7.30
CA THR A 37 4.38 -10.14 7.12
C THR A 37 5.47 -10.29 6.06
N GLU A 38 5.87 -11.52 5.81
N GLU A 38 5.87 -11.53 5.84
CA GLU A 38 6.94 -11.75 4.85
CA GLU A 38 6.91 -11.80 4.86
C GLU A 38 6.58 -11.23 3.46
C GLU A 38 6.56 -11.18 3.50
N ASP A 39 5.31 -11.28 3.08
CA ASP A 39 4.90 -10.88 1.73
C ASP A 39 3.87 -9.75 1.67
N LEU A 40 3.62 -9.02 2.78
CA LEU A 40 2.82 -7.81 2.74
C LEU A 40 3.50 -6.71 3.53
N THR A 41 3.67 -5.56 2.89
CA THR A 41 4.32 -4.42 3.53
C THR A 41 3.38 -3.70 4.48
N ALA A 42 3.92 -3.32 5.62
CA ALA A 42 3.28 -2.37 6.54
C ALA A 42 4.43 -1.62 7.19
N LEU A 43 4.54 -0.33 6.87
CA LEU A 43 5.71 0.45 7.26
C LEU A 43 5.41 1.31 8.47
N LEU A 44 6.29 1.24 9.46
CA LEU A 44 6.21 2.07 10.65
C LEU A 44 7.31 3.12 10.56
N VAL A 45 6.94 4.38 10.64
CA VAL A 45 7.89 5.48 10.71
C VAL A 45 7.76 6.12 12.09
N GLN A 46 8.87 6.13 12.83
CA GLN A 46 8.90 6.55 14.23
C GLN A 46 9.50 7.94 14.34
N THR A 47 8.74 8.85 14.95
CA THR A 47 9.22 10.21 15.17
C THR A 47 9.18 10.51 16.67
N PRO A 48 9.83 11.61 17.11
CA PRO A 48 9.66 12.02 18.50
C PRO A 48 8.24 12.43 18.83
N ASP A 49 7.43 12.74 17.81
CA ASP A 49 6.07 13.25 17.97
C ASP A 49 5.03 12.22 17.56
N GLY A 50 5.33 10.94 17.71
CA GLY A 50 4.37 9.89 17.39
C GLY A 50 4.78 9.11 16.15
N ALA A 51 4.05 8.03 15.91
CA ALA A 51 4.39 7.11 14.84
C ALA A 51 3.36 7.16 13.72
N VAL A 52 3.82 6.84 12.52
CA VAL A 52 2.98 6.75 11.33
C VAL A 52 3.05 5.32 10.82
N LEU A 53 1.90 4.79 10.41
CA LEU A 53 1.82 3.48 9.78
C LEU A 53 1.35 3.68 8.34
N LEU A 54 2.11 3.13 7.38
CA LEU A 54 1.71 3.11 5.98
C LEU A 54 1.35 1.68 5.61
N ASP A 55 0.04 1.46 5.42
CA ASP A 55 -0.60 0.17 5.20
C ASP A 55 -0.59 -0.74 6.43
N GLY A 56 -1.54 -1.65 6.48
CA GLY A 56 -1.58 -2.64 7.53
C GLY A 56 -1.69 -4.07 7.05
N GLY A 57 -1.84 -4.28 5.75
CA GLY A 57 -1.96 -5.64 5.24
C GLY A 57 -3.38 -6.18 5.33
N MET A 58 -3.49 -7.46 5.68
CA MET A 58 -4.78 -8.17 5.74
C MET A 58 -5.54 -7.88 7.04
N PRO A 59 -6.86 -8.12 7.05
CA PRO A 59 -7.66 -7.80 8.24
C PRO A 59 -7.16 -8.48 9.50
N GLN A 60 -6.66 -9.68 9.38
CA GLN A 60 -6.27 -10.44 10.56
C GLN A 60 -4.89 -10.06 11.10
N MET A 61 -4.22 -9.05 10.53
CA MET A 61 -2.89 -8.64 10.96
C MET A 61 -2.87 -7.60 12.07
N ALA A 62 -4.02 -7.13 12.57
CA ALA A 62 -4.00 -6.02 13.51
C ALA A 62 -3.17 -6.32 14.77
N SER A 63 -3.44 -7.46 15.43
CA SER A 63 -2.71 -7.75 16.67
C SER A 63 -1.22 -7.91 16.43
N HIS A 64 -0.84 -8.57 15.33
CA HIS A 64 0.58 -8.69 15.00
C HIS A 64 1.23 -7.34 14.83
N LEU A 65 0.55 -6.41 14.14
CA LEU A 65 1.10 -5.07 13.96
C LEU A 65 1.30 -4.38 15.30
N LEU A 66 0.31 -4.50 16.20
CA LEU A 66 0.43 -3.86 17.49
C LEU A 66 1.55 -4.48 18.31
N ASP A 67 1.77 -5.79 18.17
CA ASP A 67 2.88 -6.44 18.87
C ASP A 67 4.21 -5.93 18.35
N ASN A 68 4.34 -5.78 17.03
CA ASN A 68 5.59 -5.26 16.48
C ASN A 68 5.77 -3.79 16.85
N MET A 69 4.68 -3.02 16.92
CA MET A 69 4.81 -1.65 17.38
C MET A 69 5.32 -1.61 18.81
N LYS A 70 4.78 -2.46 19.68
CA LYS A 70 5.27 -2.51 21.05
C LYS A 70 6.75 -2.86 21.08
N ALA A 71 7.17 -3.84 20.26
CA ALA A 71 8.58 -4.21 20.23
C ALA A 71 9.46 -3.03 19.85
N ARG A 72 8.93 -2.10 19.05
CA ARG A 72 9.65 -0.90 18.64
C ARG A 72 9.52 0.25 19.64
N GLY A 73 8.78 0.08 20.73
CA GLY A 73 8.57 1.17 21.67
C GLY A 73 7.39 2.09 21.34
N VAL A 74 6.48 1.67 20.47
CA VAL A 74 5.32 2.46 20.06
C VAL A 74 4.11 1.83 20.74
N THR A 75 3.53 2.53 21.71
CA THR A 75 2.30 2.10 22.34
C THR A 75 1.10 2.50 21.48
N PRO A 76 -0.08 1.97 21.78
CA PRO A 76 -1.27 2.36 21.01
C PRO A 76 -1.55 3.85 20.99
N ARG A 77 -1.35 4.55 22.10
CA ARG A 77 -1.53 6.00 22.12
C ARG A 77 -0.51 6.71 21.23
N ASP A 78 0.64 6.09 20.95
CA ASP A 78 1.70 6.74 20.20
C ASP A 78 1.49 6.68 18.70
N LEU A 79 0.61 5.80 18.21
CA LEU A 79 0.32 5.73 16.78
C LEU A 79 -0.62 6.87 16.43
N ARG A 80 -0.15 7.82 15.63
CA ARG A 80 -0.89 9.04 15.35
C ARG A 80 -1.58 9.04 13.99
N LEU A 81 -1.03 8.36 13.00
CA LEU A 81 -1.47 8.54 11.63
C LEU A 81 -1.34 7.22 10.90
N ILE A 82 -2.35 6.91 10.09
CA ILE A 82 -2.35 5.80 9.14
C ILE A 82 -2.51 6.39 7.75
N LEU A 83 -1.59 6.01 6.85
CA LEU A 83 -1.64 6.35 5.43
C LEU A 83 -1.78 5.05 4.66
N LEU A 84 -2.34 5.13 3.45
CA LEU A 84 -2.61 3.95 2.64
C LEU A 84 -2.09 4.09 1.23
N SER A 85 -1.56 2.99 0.68
CA SER A 85 -1.29 2.91 -0.75
C SER A 85 -2.61 2.85 -1.53
N HIS A 86 -3.42 1.84 -1.25
CA HIS A 86 -4.76 1.75 -1.81
C HIS A 86 -5.64 0.94 -0.89
N ALA A 87 -6.95 1.12 -1.04
CA ALA A 87 -7.92 0.60 -0.08
C ALA A 87 -8.50 -0.76 -0.49
N HIS A 88 -7.63 -1.71 -0.80
CA HIS A 88 -8.03 -3.10 -0.94
C HIS A 88 -7.76 -3.88 0.35
N ALA A 89 -8.41 -5.05 0.45
CA ALA A 89 -8.45 -5.79 1.72
C ALA A 89 -7.08 -6.26 2.19
N ASP A 90 -6.13 -6.47 1.26
CA ASP A 90 -4.81 -6.96 1.61
C ASP A 90 -3.84 -5.85 1.96
N HIS A 91 -4.28 -4.60 1.93
CA HIS A 91 -3.45 -3.46 2.34
C HIS A 91 -4.08 -2.58 3.40
N ALA A 92 -5.41 -2.40 3.35
CA ALA A 92 -6.13 -1.61 4.34
C ALA A 92 -6.96 -2.50 5.25
N GLY A 93 -6.81 -3.81 5.17
CA GLY A 93 -7.64 -4.74 5.92
C GLY A 93 -7.90 -4.42 7.38
N PRO A 94 -6.84 -4.14 8.16
CA PRO A 94 -7.02 -3.96 9.61
C PRO A 94 -7.18 -2.51 10.07
N VAL A 95 -7.43 -1.58 9.14
CA VAL A 95 -7.50 -0.16 9.50
C VAL A 95 -8.60 0.12 10.52
N ALA A 96 -9.81 -0.42 10.32
CA ALA A 96 -10.89 -0.08 11.24
C ALA A 96 -10.55 -0.52 12.65
N GLU A 97 -10.01 -1.73 12.78
CA GLU A 97 -9.65 -2.27 14.08
C GLU A 97 -8.50 -1.48 14.70
N LEU A 98 -7.50 -1.11 13.90
CA LEU A 98 -6.42 -0.28 14.41
C LEU A 98 -6.93 1.06 14.94
N LYS A 99 -7.90 1.67 14.25
CA LYS A 99 -8.45 2.93 14.74
C LYS A 99 -9.15 2.74 16.10
N ARG A 100 -9.85 1.62 16.28
CA ARG A 100 -10.52 1.38 17.55
C ARG A 100 -9.52 1.14 18.69
N ARG A 101 -8.36 0.57 18.39
CA ARG A 101 -7.42 0.11 19.40
C ARG A 101 -6.26 1.07 19.64
N THR A 102 -6.14 2.14 18.85
CA THR A 102 -5.03 3.08 18.98
C THR A 102 -5.53 4.51 18.86
N GLY A 103 -4.63 5.45 19.03
CA GLY A 103 -4.94 6.84 18.77
C GLY A 103 -4.97 7.26 17.32
N ALA A 104 -4.82 6.33 16.39
CA ALA A 104 -4.50 6.73 15.02
C ALA A 104 -5.67 7.31 14.26
N LYS A 105 -5.38 8.30 13.46
CA LYS A 105 -6.31 8.85 12.50
C LYS A 105 -5.82 8.56 11.08
N VAL A 106 -6.76 8.45 10.14
CA VAL A 106 -6.48 8.07 8.76
C VAL A 106 -6.52 9.31 7.88
N ALA A 107 -5.51 9.48 7.04
CA ALA A 107 -5.51 10.50 6.00
C ALA A 107 -5.48 9.79 4.65
N ALA A 108 -6.38 10.18 3.74
CA ALA A 108 -6.45 9.53 2.44
C ALA A 108 -7.08 10.48 1.44
N ASN A 109 -6.88 10.18 0.15
CA ASN A 109 -7.58 10.95 -0.86
C ASN A 109 -9.05 10.55 -0.92
N ALA A 110 -9.84 11.37 -1.62
CA ALA A 110 -11.28 11.14 -1.68
C ALA A 110 -11.62 9.78 -2.24
N GLU A 111 -10.95 9.35 -3.30
CA GLU A 111 -11.27 8.05 -3.89
C GLU A 111 -10.99 6.93 -2.90
N SER A 112 -9.83 6.96 -2.24
CA SER A 112 -9.53 5.93 -1.26
C SER A 112 -10.47 5.99 -0.09
N ALA A 113 -10.83 7.21 0.34
CA ALA A 113 -11.75 7.34 1.47
C ALA A 113 -13.10 6.72 1.17
N VAL A 114 -13.63 6.90 -0.04
N VAL A 114 -13.62 6.92 -0.04
CA VAL A 114 -14.96 6.34 -0.31
CA VAL A 114 -14.92 6.37 -0.38
C VAL A 114 -14.89 4.82 -0.44
C VAL A 114 -14.87 4.85 -0.40
N LEU A 115 -13.78 4.28 -0.95
CA LEU A 115 -13.67 2.83 -1.02
C LEU A 115 -13.47 2.23 0.38
N LEU A 116 -12.66 2.90 1.21
CA LEU A 116 -12.44 2.45 2.59
C LEU A 116 -13.74 2.46 3.38
N ALA A 117 -14.57 3.49 3.18
CA ALA A 117 -15.81 3.62 3.92
C ALA A 117 -16.85 2.59 3.49
N ARG A 118 -16.70 1.97 2.32
CA ARG A 118 -17.56 0.85 1.98
C ARG A 118 -16.85 -0.49 2.13
N GLY A 119 -15.72 -0.52 2.83
CA GLY A 119 -15.04 -1.77 3.11
C GLY A 119 -14.66 -2.53 1.86
N GLY A 120 -14.31 -1.82 0.80
CA GLY A 120 -13.93 -2.48 -0.45
C GLY A 120 -15.07 -3.04 -1.25
N SER A 121 -16.31 -2.89 -0.80
CA SER A 121 -17.46 -3.38 -1.55
C SER A 121 -17.69 -2.51 -2.80
N ASP A 122 -18.48 -3.05 -3.72
CA ASP A 122 -18.74 -2.38 -5.01
C ASP A 122 -17.44 -1.90 -5.66
N ASP A 123 -16.44 -2.76 -5.63
CA ASP A 123 -15.17 -2.46 -6.30
C ASP A 123 -15.40 -2.39 -7.82
N LEU A 124 -14.66 -1.49 -8.48
CA LEU A 124 -14.82 -1.33 -9.92
C LEU A 124 -14.62 -2.63 -10.69
N HIS A 125 -13.73 -3.50 -10.20
CA HIS A 125 -13.37 -4.73 -10.91
C HIS A 125 -13.74 -6.01 -10.16
N PHE A 126 -13.74 -5.99 -8.83
CA PHE A 126 -13.94 -7.19 -8.03
C PHE A 126 -15.37 -7.28 -7.48
N GLY A 127 -16.19 -6.27 -7.67
CA GLY A 127 -17.55 -6.31 -7.10
C GLY A 127 -17.46 -6.37 -5.59
N ASP A 128 -18.19 -7.34 -5.00
CA ASP A 128 -18.16 -7.58 -3.56
C ASP A 128 -17.31 -8.79 -3.20
N GLY A 129 -16.47 -9.25 -4.12
CA GLY A 129 -15.68 -10.45 -3.89
C GLY A 129 -14.61 -10.31 -2.83
N ILE A 130 -14.16 -9.10 -2.52
N ILE A 130 -14.15 -9.10 -2.54
CA ILE A 130 -13.03 -8.89 -1.62
CA ILE A 130 -13.04 -8.88 -1.63
C ILE A 130 -13.36 -7.70 -0.75
C ILE A 130 -13.35 -7.69 -0.74
N THR A 131 -13.99 -7.95 0.39
CA THR A 131 -14.40 -6.90 1.31
C THR A 131 -13.70 -7.06 2.66
N TYR A 132 -13.79 -6.01 3.46
CA TYR A 132 -13.11 -5.93 4.76
C TYR A 132 -13.87 -4.91 5.61
N PRO A 133 -13.55 -4.80 6.90
CA PRO A 133 -14.33 -3.90 7.78
C PRO A 133 -14.17 -2.45 7.35
N PRO A 134 -15.27 -1.70 7.18
CA PRO A 134 -15.16 -0.31 6.71
C PRO A 134 -14.55 0.59 7.75
N ALA A 135 -13.91 1.66 7.25
CA ALA A 135 -13.36 2.67 8.13
C ALA A 135 -13.56 4.05 7.52
N ASN A 136 -13.56 5.06 8.38
CA ASN A 136 -13.71 6.46 7.98
C ASN A 136 -12.36 7.16 7.98
N ALA A 137 -12.14 7.99 6.96
CA ALA A 137 -10.98 8.87 6.94
C ALA A 137 -11.23 10.11 7.78
N ASP A 138 -10.20 10.58 8.46
CA ASP A 138 -10.25 11.77 9.29
C ASP A 138 -9.77 13.03 8.59
N ARG A 139 -8.98 12.87 7.54
CA ARG A 139 -8.46 13.98 6.76
C ARG A 139 -8.42 13.52 5.31
N ILE A 140 -8.88 14.39 4.39
CA ILE A 140 -8.82 14.13 2.96
C ILE A 140 -7.65 14.92 2.41
N VAL A 141 -6.80 14.25 1.62
CA VAL A 141 -5.64 14.91 1.01
C VAL A 141 -5.82 15.06 -0.49
N MET A 142 -5.18 16.09 -1.02
CA MET A 142 -5.13 16.39 -2.45
C MET A 142 -3.77 16.00 -3.01
N ASP A 143 -3.70 15.90 -4.33
CA ASP A 143 -2.46 15.48 -4.97
C ASP A 143 -1.35 16.48 -4.67
N GLY A 144 -0.21 15.96 -4.22
CA GLY A 144 0.93 16.77 -3.84
C GLY A 144 0.87 17.37 -2.46
N GLU A 145 -0.20 17.13 -1.70
CA GLU A 145 -0.28 17.67 -0.36
C GLU A 145 0.74 16.97 0.54
N VAL A 146 1.24 17.71 1.52
CA VAL A 146 2.16 17.17 2.50
C VAL A 146 1.46 17.02 3.84
N ILE A 147 1.90 16.02 4.59
CA ILE A 147 1.54 15.84 5.99
C ILE A 147 2.83 15.70 6.77
N THR A 148 2.95 16.48 7.85
CA THR A 148 4.18 16.55 8.61
C THR A 148 3.94 15.95 9.99
N VAL A 149 4.77 14.97 10.36
CA VAL A 149 4.74 14.38 11.69
C VAL A 149 6.18 14.38 12.19
N GLY A 150 6.43 15.09 13.29
CA GLY A 150 7.78 15.16 13.86
C GLY A 150 8.86 15.56 12.89
N GLY A 151 8.58 16.51 12.02
CA GLY A 151 9.52 16.90 11.00
C GLY A 151 9.81 15.91 9.91
N ILE A 152 9.14 14.77 9.88
CA ILE A 152 9.17 13.92 8.72
C ILE A 152 7.99 14.35 7.86
N VAL A 153 8.28 14.76 6.63
CA VAL A 153 7.27 15.29 5.73
C VAL A 153 6.93 14.20 4.73
N PHE A 154 5.65 13.79 4.73
CA PHE A 154 5.13 12.82 3.78
C PHE A 154 4.39 13.55 2.66
N THR A 155 4.74 13.26 1.40
CA THR A 155 4.10 13.87 0.25
C THR A 155 3.28 12.83 -0.49
N ALA A 156 2.04 13.16 -0.82
CA ALA A 156 1.16 12.30 -1.60
C ALA A 156 1.36 12.55 -3.09
N HIS A 157 1.54 11.46 -3.86
CA HIS A 157 1.61 11.51 -5.32
C HIS A 157 0.56 10.57 -5.86
N PHE A 158 -0.53 11.12 -6.39
CA PHE A 158 -1.60 10.26 -6.88
C PHE A 158 -1.11 9.49 -8.09
N MET A 159 -1.46 8.22 -8.14
CA MET A 159 -1.07 7.33 -9.24
C MET A 159 -2.21 6.37 -9.53
N ALA A 160 -3.34 6.94 -9.94
CA ALA A 160 -4.54 6.18 -10.21
C ALA A 160 -4.34 5.09 -11.25
N GLY A 161 -5.05 3.99 -11.06
CA GLY A 161 -5.07 2.90 -12.02
C GLY A 161 -5.47 1.62 -11.32
N HIS A 162 -4.56 1.08 -10.52
CA HIS A 162 -4.88 -0.13 -9.76
C HIS A 162 -6.18 0.06 -8.97
N THR A 163 -6.31 1.21 -8.32
CA THR A 163 -7.59 1.73 -7.86
C THR A 163 -7.62 3.18 -8.27
N PRO A 164 -8.79 3.79 -8.36
CA PRO A 164 -8.85 5.25 -8.60
C PRO A 164 -8.03 6.06 -7.63
N GLY A 165 -7.95 5.64 -6.38
CA GLY A 165 -7.31 6.38 -5.32
C GLY A 165 -5.88 5.97 -5.02
N SER A 166 -5.29 5.11 -5.83
CA SER A 166 -3.90 4.66 -5.63
C SER A 166 -2.95 5.83 -5.45
N THR A 167 -2.07 5.72 -4.46
CA THR A 167 -1.21 6.82 -4.06
C THR A 167 0.19 6.29 -3.78
N ALA A 168 1.20 7.03 -4.23
CA ALA A 168 2.56 6.87 -3.74
C ALA A 168 2.84 7.89 -2.63
N TRP A 169 3.50 7.44 -1.57
CA TRP A 169 3.92 8.31 -0.48
C TRP A 169 5.43 8.38 -0.45
N THR A 170 5.97 9.60 -0.40
CA THR A 170 7.41 9.78 -0.32
C THR A 170 7.78 10.56 0.94
N TRP A 171 8.97 10.25 1.47
CA TRP A 171 9.53 10.98 2.59
C TRP A 171 11.03 10.76 2.62
N THR A 172 11.74 11.61 3.36
CA THR A 172 13.19 11.52 3.50
C THR A 172 13.52 11.12 4.94
N ASP A 173 14.20 9.99 5.08
CA ASP A 173 14.75 9.51 6.34
C ASP A 173 16.27 9.64 6.23
N THR A 174 16.98 9.02 7.17
CA THR A 174 18.42 9.00 7.13
C THR A 174 18.91 7.57 7.33
N ARG A 175 20.17 7.35 6.94
CA ARG A 175 20.82 6.06 7.10
C ARG A 175 22.32 6.30 7.01
N ASN A 176 23.06 5.82 8.00
CA ASN A 176 24.51 6.06 8.07
C ASN A 176 24.81 7.55 7.96
N GLY A 177 24.00 8.37 8.64
CA GLY A 177 24.16 9.80 8.63
C GLY A 177 23.55 10.51 7.45
N LYS A 178 23.28 9.80 6.32
CA LYS A 178 22.97 10.50 5.09
C LYS A 178 21.48 10.43 4.77
N PRO A 179 20.95 11.44 4.07
CA PRO A 179 19.54 11.41 3.69
C PRO A 179 19.24 10.27 2.73
N VAL A 180 18.07 9.65 2.91
CA VAL A 180 17.57 8.58 2.06
C VAL A 180 16.15 8.97 1.68
N ARG A 181 15.93 9.20 0.39
CA ARG A 181 14.60 9.52 -0.14
C ARG A 181 13.85 8.22 -0.38
N ILE A 182 12.85 7.93 0.45
CA ILE A 182 12.08 6.70 0.39
C ILE A 182 10.82 6.95 -0.43
N ALA A 183 10.53 6.05 -1.36
CA ALA A 183 9.31 6.08 -2.17
C ALA A 183 8.55 4.79 -1.93
N TYR A 184 7.35 4.91 -1.33
CA TYR A 184 6.43 3.78 -1.17
C TYR A 184 5.42 3.92 -2.29
N ALA A 185 5.68 3.23 -3.40
CA ALA A 185 4.86 3.37 -4.59
C ALA A 185 3.81 2.26 -4.61
N ASP A 186 2.60 2.64 -4.96
CA ASP A 186 1.51 1.68 -4.98
C ASP A 186 1.69 0.67 -6.10
N SER A 187 0.86 -0.37 -6.04
CA SER A 187 0.73 -1.36 -7.07
C SER A 187 0.37 -0.72 -8.40
N LEU A 188 0.93 -1.32 -9.47
CA LEU A 188 0.65 -0.96 -10.85
C LEU A 188 0.09 -2.14 -11.64
N SER A 189 -0.37 -3.19 -10.95
CA SER A 189 -0.97 -4.36 -11.57
C SER A 189 -2.42 -4.06 -11.98
N ALA A 190 -2.97 -4.93 -12.81
CA ALA A 190 -4.36 -4.82 -13.25
C ALA A 190 -4.98 -6.21 -13.28
N PRO A 191 -5.03 -6.89 -12.12
CA PRO A 191 -5.30 -8.34 -12.11
C PRO A 191 -6.71 -8.72 -12.53
N GLY A 192 -6.83 -9.30 -13.73
CA GLY A 192 -8.13 -9.65 -14.28
C GLY A 192 -8.97 -8.47 -14.71
N TYR A 193 -8.41 -7.27 -14.79
CA TYR A 193 -9.20 -6.10 -15.13
C TYR A 193 -9.53 -6.09 -16.61
N GLN A 194 -10.75 -5.63 -16.93
CA GLN A 194 -11.07 -5.17 -18.29
C GLN A 194 -10.47 -3.78 -18.45
N LEU A 195 -9.48 -3.67 -19.31
CA LEU A 195 -8.75 -2.42 -19.48
C LEU A 195 -9.41 -1.49 -20.50
N GLN A 196 -9.85 -2.02 -21.64
CA GLN A 196 -10.35 -1.21 -22.74
C GLN A 196 -11.87 -1.10 -22.65
N GLY A 197 -12.39 0.11 -22.80
CA GLY A 197 -13.83 0.32 -22.85
C GLY A 197 -14.56 -0.12 -21.61
N ASN A 198 -13.95 0.05 -20.45
CA ASN A 198 -14.58 -0.38 -19.22
C ASN A 198 -15.59 0.67 -18.78
N PRO A 199 -16.89 0.35 -18.69
CA PRO A 199 -17.86 1.41 -18.40
C PRO A 199 -17.73 1.98 -17.01
N ARG A 200 -17.17 1.23 -16.07
CA ARG A 200 -16.95 1.72 -14.73
C ARG A 200 -15.65 2.52 -14.61
N TYR A 201 -14.78 2.50 -15.61
CA TYR A 201 -13.51 3.25 -15.54
C TYR A 201 -13.09 3.62 -16.96
N PRO A 202 -13.78 4.58 -17.57
CA PRO A 202 -13.55 4.84 -19.01
C PRO A 202 -12.15 5.27 -19.36
N HIS A 203 -11.46 6.00 -18.49
CA HIS A 203 -10.13 6.53 -18.77
C HIS A 203 -9.04 5.71 -18.09
N LEU A 204 -9.33 4.44 -17.83
CA LEU A 204 -8.40 3.56 -17.13
C LEU A 204 -7.01 3.57 -17.78
N ILE A 205 -6.96 3.41 -19.10
CA ILE A 205 -5.65 3.29 -19.76
C ILE A 205 -4.86 4.58 -19.61
N GLU A 206 -5.51 5.73 -19.86
CA GLU A 206 -4.80 7.01 -19.73
C GLU A 206 -4.28 7.20 -18.31
N ASP A 207 -5.04 6.80 -17.31
CA ASP A 207 -4.61 6.96 -15.92
C ASP A 207 -3.39 6.08 -15.62
N TYR A 208 -3.42 4.80 -16.05
CA TYR A 208 -2.23 3.99 -15.86
C TYR A 208 -1.02 4.60 -16.54
N ARG A 209 -1.17 5.10 -17.77
CA ARG A 209 -0.02 5.66 -18.48
C ARG A 209 0.54 6.87 -17.74
N ARG A 210 -0.33 7.74 -17.23
CA ARG A 210 0.15 8.85 -16.42
C ARG A 210 0.82 8.34 -15.15
N SER A 211 0.27 7.28 -14.57
CA SER A 211 0.84 6.75 -13.33
C SER A 211 2.22 6.14 -13.55
N PHE A 212 2.45 5.46 -14.68
CA PHE A 212 3.81 5.01 -14.97
C PHE A 212 4.78 6.18 -14.97
N ALA A 213 4.38 7.31 -15.58
CA ALA A 213 5.25 8.47 -15.64
C ALA A 213 5.48 9.06 -14.26
N THR A 214 4.43 9.11 -13.45
CA THR A 214 4.58 9.62 -12.09
C THR A 214 5.57 8.79 -11.29
N VAL A 215 5.46 7.46 -11.37
CA VAL A 215 6.35 6.60 -10.59
C VAL A 215 7.79 6.77 -11.05
N ARG A 216 7.99 6.83 -12.37
N ARG A 216 8.01 6.82 -12.37
CA ARG A 216 9.31 6.99 -12.98
CA ARG A 216 9.35 6.96 -12.92
C ARG A 216 10.04 8.21 -12.44
C ARG A 216 10.06 8.19 -12.36
N ALA A 217 9.31 9.27 -12.10
CA ALA A 217 9.87 10.54 -11.67
C ALA A 217 9.91 10.75 -10.16
N LEU A 218 9.47 9.79 -9.33
CA LEU A 218 9.46 10.03 -7.89
C LEU A 218 10.87 10.23 -7.35
N PRO A 219 11.03 11.05 -6.30
CA PRO A 219 12.31 11.05 -5.57
C PRO A 219 12.48 9.70 -4.89
N CYS A 220 13.58 9.00 -5.20
CA CYS A 220 13.55 7.57 -4.97
C CYS A 220 14.93 6.95 -4.82
N ASP A 221 15.60 7.20 -3.70
CA ASP A 221 16.80 6.43 -3.38
C ASP A 221 16.48 4.99 -3.02
N VAL A 222 15.33 4.76 -2.39
CA VAL A 222 14.89 3.42 -2.01
C VAL A 222 13.42 3.31 -2.36
N LEU A 223 13.06 2.31 -3.16
CA LEU A 223 11.68 2.01 -3.51
C LEU A 223 11.19 0.85 -2.65
N LEU A 224 9.97 1.00 -2.09
CA LEU A 224 9.23 -0.09 -1.45
C LEU A 224 7.85 -0.17 -2.10
N THR A 225 7.22 -1.35 -2.05
CA THR A 225 5.91 -1.53 -2.68
C THR A 225 5.04 -2.38 -1.77
N PRO A 226 3.71 -2.26 -1.90
CA PRO A 226 2.81 -3.03 -1.01
C PRO A 226 3.06 -4.53 -1.05
N HIS A 227 3.27 -5.09 -2.24
CA HIS A 227 3.74 -6.45 -2.36
C HIS A 227 5.25 -6.35 -2.57
N PRO A 228 6.07 -6.78 -1.62
CA PRO A 228 7.51 -6.56 -1.76
C PRO A 228 8.09 -7.15 -3.03
N GLY A 229 7.55 -8.26 -3.52
CA GLY A 229 8.08 -8.86 -4.73
C GLY A 229 7.99 -7.97 -5.95
N ALA A 230 7.02 -7.05 -5.98
CA ALA A 230 6.89 -6.16 -7.13
C ALA A 230 8.11 -5.26 -7.28
N SER A 231 8.80 -4.94 -6.19
CA SER A 231 10.02 -4.14 -6.24
C SER A 231 11.26 -4.96 -5.92
N ASN A 232 11.15 -6.29 -5.94
CA ASN A 232 12.28 -7.20 -5.78
C ASN A 232 12.88 -7.14 -4.39
N TRP A 233 12.08 -6.77 -3.39
CA TRP A 233 12.44 -6.95 -1.99
C TRP A 233 12.17 -8.39 -1.57
N ASP A 234 12.98 -8.88 -0.63
CA ASP A 234 12.77 -10.20 0.01
C ASP A 234 12.88 -10.00 1.52
N TYR A 235 11.73 -9.79 2.18
CA TYR A 235 11.77 -9.43 3.60
C TYR A 235 12.32 -10.54 4.48
N ALA A 236 12.39 -11.77 3.98
CA ALA A 236 12.96 -12.87 4.74
C ALA A 236 14.47 -13.00 4.57
N ALA A 237 15.11 -12.13 3.78
CA ALA A 237 16.53 -12.25 3.46
C ALA A 237 17.43 -11.44 4.38
N GLY A 238 16.88 -10.87 5.45
CA GLY A 238 17.73 -10.30 6.50
C GLY A 238 18.50 -9.08 6.01
N ALA A 239 19.81 -9.11 6.21
CA ALA A 239 20.68 -7.98 5.87
C ALA A 239 20.71 -7.71 4.38
N ARG A 240 20.21 -8.64 3.57
N ARG A 240 20.20 -8.64 3.59
CA ARG A 240 20.15 -8.45 2.13
CA ARG A 240 20.14 -8.52 2.14
C ARG A 240 18.71 -8.34 1.63
C ARG A 240 18.72 -8.32 1.63
N ALA A 241 17.76 -8.06 2.52
CA ALA A 241 16.37 -7.97 2.12
C ALA A 241 16.17 -6.98 0.98
N GLY A 242 16.88 -5.86 1.02
CA GLY A 242 16.72 -4.80 0.03
C GLY A 242 17.76 -4.79 -1.04
N ALA A 243 18.67 -5.75 -1.05
CA ALA A 243 19.85 -5.64 -1.91
C ALA A 243 19.45 -5.59 -3.38
N LYS A 244 18.47 -6.38 -3.79
CA LYS A 244 18.08 -6.52 -5.19
C LYS A 244 16.95 -5.57 -5.58
N ALA A 245 16.55 -4.64 -4.70
CA ALA A 245 15.38 -3.82 -4.99
C ALA A 245 15.56 -3.04 -6.29
N LEU A 246 14.46 -2.90 -7.03
CA LEU A 246 14.39 -2.09 -8.24
C LEU A 246 14.45 -0.60 -7.91
N THR A 247 14.90 0.18 -8.88
CA THR A 247 14.66 1.63 -8.84
C THR A 247 13.20 1.91 -9.20
N CYS A 248 12.75 3.13 -8.91
CA CYS A 248 11.41 3.50 -9.36
C CYS A 248 11.30 3.46 -10.88
N LYS A 249 12.38 3.86 -11.59
CA LYS A 249 12.37 3.82 -13.04
C LYS A 249 12.19 2.39 -13.54
N ALA A 250 12.89 1.43 -12.94
CA ALA A 250 12.80 0.04 -13.37
C ALA A 250 11.43 -0.54 -13.06
N TYR A 251 10.89 -0.20 -11.89
CA TYR A 251 9.56 -0.66 -11.51
C TYR A 251 8.51 -0.16 -12.50
N ALA A 252 8.56 1.13 -12.83
CA ALA A 252 7.60 1.70 -13.76
C ALA A 252 7.73 1.06 -15.15
N ASP A 253 8.97 0.85 -15.61
CA ASP A 253 9.15 0.26 -16.93
C ASP A 253 8.62 -1.17 -16.97
N ALA A 254 8.91 -1.96 -15.93
CA ALA A 254 8.44 -3.34 -15.90
C ALA A 254 6.92 -3.38 -15.85
N ALA A 255 6.31 -2.47 -15.09
CA ALA A 255 4.85 -2.45 -14.99
C ALA A 255 4.23 -2.07 -16.34
N GLU A 256 4.84 -1.12 -17.04
CA GLU A 256 4.30 -0.69 -18.32
C GLU A 256 4.43 -1.79 -19.36
N GLN A 257 5.56 -2.50 -19.37
CA GLN A 257 5.71 -3.62 -20.28
C GLN A 257 4.65 -4.69 -20.01
N LYS A 258 4.42 -5.01 -18.74
CA LYS A 258 3.40 -6.00 -18.43
C LYS A 258 2.03 -5.51 -18.86
N PHE A 259 1.76 -4.22 -18.63
CA PHE A 259 0.46 -3.65 -18.98
C PHE A 259 0.22 -3.72 -20.48
N ASP A 260 1.23 -3.34 -21.27
CA ASP A 260 1.11 -3.41 -22.72
C ASP A 260 0.86 -4.84 -23.19
N GLY A 261 1.49 -5.82 -22.55
CA GLY A 261 1.21 -7.20 -22.90
C GLY A 261 -0.22 -7.59 -22.56
N GLN A 262 -0.71 -7.12 -21.42
CA GLN A 262 -2.08 -7.42 -21.06
C GLN A 262 -3.07 -6.78 -22.02
N LEU A 263 -2.80 -5.56 -22.47
CA LEU A 263 -3.67 -4.94 -23.47
C LEU A 263 -3.73 -5.77 -24.74
N ALA A 264 -2.57 -6.24 -25.20
CA ALA A 264 -2.52 -7.02 -26.43
C ALA A 264 -3.28 -8.33 -26.27
N LYS A 265 -3.16 -8.96 -25.09
CA LYS A 265 -3.88 -10.21 -24.85
C LYS A 265 -5.38 -9.97 -24.76
N GLU A 266 -5.80 -8.82 -24.20
CA GLU A 266 -7.22 -8.51 -24.12
C GLU A 266 -7.83 -8.32 -25.50
N THR A 267 -7.16 -7.57 -26.37
CA THR A 267 -7.60 -7.45 -27.75
C THR A 267 -7.73 -8.81 -28.42
N ALA A 268 -6.82 -9.74 -28.12
CA ALA A 268 -6.88 -11.05 -28.75
C ALA A 268 -7.93 -11.96 -28.12
N GLY A 269 -8.38 -11.67 -26.91
CA GLY A 269 -9.38 -12.51 -26.25
C GLY A 269 -10.79 -11.97 -26.41
ZN ZN B . -5.14 -4.01 -4.81
ZN ZN C . -2.51 -6.33 -3.06
ZN ZN D . 17.57 8.78 14.34
C11 9XS E . 5.56 -15.05 -12.23
C18 9XS E . -3.85 -8.84 -5.01
C17 9XS E . -1.56 -5.88 -6.04
C6 9XS E . 1.45 -11.81 -7.22
O6 9XS E . -4.51 -5.83 -4.33
C5 9XS E . 1.29 -9.50 -6.24
O5 9XS E . -1.71 -5.23 -4.93
C16 9XS E . -2.34 -7.25 -5.89
C4 9XS E . -0.15 -9.83 -6.68
O4 9XS E . -0.90 -5.52 -7.02
C3 9XS E . -2.69 -8.06 -7.08
C2 9XS E . -3.31 -9.36 -6.37
C15 9XS E . -0.05 -11.25 -7.33
C1 9XS E . -4.44 -9.99 -7.24
C12 9XS E . 6.17 -13.99 -11.49
C19 9XS E . -5.27 -8.18 -4.93
C10 9XS E . 4.24 -15.49 -11.89
C21 9XS E . -5.97 -8.51 -3.70
C22 9XS E . -7.43 -7.95 -3.71
C20 9XS E . -5.16 -6.61 -5.14
C7 9XS E . 2.04 -12.63 -8.58
C8 9XS E . 4.08 -13.79 -10.05
C9 9XS E . 3.51 -14.88 -10.82
C13 9XS E . 7.68 -13.40 -11.77
C14 9XS E . 5.40 -13.42 -10.43
O7 9XS E . -5.68 -6.34 -6.23
S1 9XS E . -1.12 -8.54 -7.94
N1 9XS E . 2.23 -10.55 -6.79
O1 9XS E . 1.18 -12.89 -9.40
N2 9XS E . 3.43 -13.06 -8.87
O2 9XS E . 8.57 -13.66 -10.90
O3 9XS E . 7.88 -12.72 -12.80
N3 9XS E . -2.89 -7.65 -4.78
O8 9XS E . -5.90 -9.95 -3.55
H1 9XS E . 6.02 -15.45 -12.93
H2 9XS E . -3.78 -9.51 -4.32
H3 9XS E . 1.52 -12.38 -6.43
H6 9XS E . 1.37 -9.44 -5.28
H5 9XS E . 1.55 -8.64 -6.62
H7 9XS E . -0.74 -9.96 -5.94
H9 9XS E . -2.64 -10.03 -6.23
H10 9XS E . -0.36 -11.13 -8.23
H11 9XS E . -0.70 -11.77 -6.84
H12 9XS E . -4.98 -9.31 -7.67
H14 9XS E . -5.05 -10.56 -6.71
H13 9XS E . -4.05 -10.54 -7.94
H15 9XS E . -5.83 -8.53 -5.64
H16 9XS E . 3.85 -16.18 -12.38
H17 9XS E . -5.53 -8.08 -2.95
H19 9XS E . -7.81 -7.81 -4.58
H20 9XS E . -7.51 -7.09 -3.26
H18 9XS E . -8.07 -8.51 -3.27
H21 9XS E . 2.65 -15.17 -10.62
H22 9XS E . 5.82 -12.73 -9.97
H23 9XS E . 2.83 -10.83 -6.20
H25 9XS E . 3.99 -12.85 -8.25
H28 9XS E . -6.37 -10.33 -4.15
S SO4 F . 0.53 19.31 8.14
O1 SO4 F . 0.25 17.93 8.53
O2 SO4 F . 0.59 20.17 9.32
O3 SO4 F . 1.83 19.35 7.46
O4 SO4 F . -0.55 19.77 7.26
S SO4 G . 19.89 -4.08 2.26
O1 SO4 G . 18.84 -4.86 2.90
O2 SO4 G . 20.71 -3.43 3.28
O3 SO4 G . 20.73 -4.95 1.44
O4 SO4 G . 19.28 -3.06 1.41
#